data_4KZU
#
_entry.id   4KZU
#
_cell.length_a   91.140
_cell.length_b   98.550
_cell.length_c   118.030
_cell.angle_alpha   90.00
_cell.angle_beta   90.00
_cell.angle_gamma   90.00
#
_symmetry.space_group_name_H-M   'C 2 2 21'
#
loop_
_entity.id
_entity.type
_entity.pdbx_description
1 polymer Tankyrase-2
2 polymer Tankyrase-2
3 non-polymer 2-(4-bromophenyl)-4H-chromen-4-one
4 non-polymer 'ZINC ION'
5 non-polymer 'SULFATE ION'
6 non-polymer GLYCEROL
7 water water
#
loop_
_entity_poly.entity_id
_entity_poly.type
_entity_poly.pdbx_seq_one_letter_code
_entity_poly.pdbx_strand_id
1 'polypeptide(L)'
;MHHHHHHSSGVDLGTENLYFQSMLNTSGSGTILIDLSPDDKEFQSVEEEMQSTVREHRDGGHAGGIFNRYNILKIQKVCN
KKLWERYTHRRKEVSEENHNHANERMLFHGSPFVNAIIHKGFDERHAYIGGMFGAGIYFAENSSKSNQYVYGIGGGTGCP
VHKDRSCYICHRQLLFCRVTLGKSFLQFSAM
;
A,B
2 'polypeptide(L)' KMAHSPPGHHSVTGRPSVNGLALAEYVIYRGEQAYPEYLITYQIMRPEG C,D
#
loop_
_chem_comp.id
_chem_comp.type
_chem_comp.name
_chem_comp.formula
A73 non-polymer 2-(4-bromophenyl)-4H-chromen-4-one 'C15 H9 Br O2'
GOL non-polymer GLYCEROL 'C3 H8 O3'
SO4 non-polymer 'SULFATE ION' 'O4 S -2'
ZN non-polymer 'ZINC ION' 'Zn 2'
#
# COMPACT_ATOMS: atom_id res chain seq x y z
N GLY A 30 -31.90 14.46 -14.33
CA GLY A 30 -33.00 14.30 -13.34
C GLY A 30 -32.57 14.49 -11.90
N THR A 31 -31.36 14.98 -11.63
CA THR A 31 -30.92 15.03 -10.23
C THR A 31 -31.32 16.34 -9.60
N ILE A 32 -31.91 16.27 -8.40
CA ILE A 32 -32.02 17.44 -7.56
C ILE A 32 -31.37 17.20 -6.18
N LEU A 33 -30.79 18.25 -5.62
CA LEU A 33 -30.14 18.27 -4.31
C LEU A 33 -31.02 18.94 -3.26
N ILE A 34 -31.37 18.22 -2.20
CA ILE A 34 -32.16 18.81 -1.10
C ILE A 34 -31.33 19.02 0.16
N ASP A 35 -31.23 20.27 0.63
CA ASP A 35 -30.41 20.58 1.81
C ASP A 35 -31.03 20.02 3.03
N LEU A 36 -30.23 19.48 3.93
CA LEU A 36 -30.77 19.02 5.21
C LEU A 36 -30.49 20.10 6.22
N SER A 37 -31.43 20.35 7.12
CA SER A 37 -31.16 21.27 8.22
C SER A 37 -30.21 20.61 9.22
N PRO A 38 -29.31 21.37 9.86
CA PRO A 38 -28.48 20.84 10.95
C PRO A 38 -29.27 20.29 12.15
N ASP A 39 -30.53 20.70 12.29
CA ASP A 39 -31.40 20.21 13.37
C ASP A 39 -31.94 18.84 13.06
N ASP A 40 -31.90 18.47 11.80
CA ASP A 40 -32.47 17.22 11.32
C ASP A 40 -31.62 16.03 11.76
N LYS A 41 -32.26 15.00 12.27
CA LYS A 41 -31.51 13.89 12.86
C LYS A 41 -30.71 13.09 11.81
N GLU A 42 -31.18 13.15 10.57
CA GLU A 42 -30.52 12.59 9.43
C GLU A 42 -29.19 13.37 9.13
N PHE A 43 -29.24 14.69 9.22
CA PHE A 43 -28.01 15.51 9.20
C PHE A 43 -27.04 15.06 10.27
N GLN A 44 -27.57 14.93 11.49
CA GLN A 44 -26.73 14.67 12.64
C GLN A 44 -26.08 13.30 12.58
N SER A 45 -26.81 12.28 12.11
CA SER A 45 -26.23 10.94 12.04
C SER A 45 -25.18 10.82 10.90
N VAL A 46 -25.39 11.51 9.79
CA VAL A 46 -24.40 11.54 8.70
C VAL A 46 -23.15 12.32 9.15
N GLU A 47 -23.32 13.46 9.83
CA GLU A 47 -22.16 14.20 10.33
C GLU A 47 -21.34 13.36 11.31
N GLU A 48 -22.01 12.66 12.24
CA GLU A 48 -21.32 11.83 13.23
C GLU A 48 -20.50 10.69 12.54
N GLU A 49 -21.05 10.06 11.51
CA GLU A 49 -20.31 9.06 10.74
C GLU A 49 -19.08 9.66 10.04
N MET A 50 -19.24 10.84 9.48
CA MET A 50 -18.10 11.57 8.93
C MET A 50 -16.97 11.86 9.99
N GLN A 51 -17.35 12.44 11.11
CA GLN A 51 -16.39 12.89 12.11
C GLN A 51 -15.71 11.73 12.83
N SER A 52 -16.46 10.66 13.08
CA SER A 52 -16.04 9.62 13.98
C SER A 52 -15.17 8.63 13.25
N THR A 53 -15.14 8.68 11.92
CA THR A 53 -14.30 7.77 11.16
C THR A 53 -13.04 8.42 10.59
N VAL A 54 -12.68 9.59 11.08
CA VAL A 54 -11.35 10.20 10.82
C VAL A 54 -10.25 9.38 11.54
N ARG A 55 -9.15 9.07 10.86
CA ARG A 55 -7.98 8.51 11.52
C ARG A 55 -6.77 9.19 10.93
N GLU A 56 -5.63 8.96 11.56
CA GLU A 56 -4.33 9.31 11.01
C GLU A 56 -3.93 8.34 9.90
N HIS A 57 -3.18 8.83 8.94
CA HIS A 57 -2.77 8.06 7.76
C HIS A 57 -1.27 7.93 7.72
N ARG A 58 -0.79 6.93 6.99
CA ARG A 58 0.62 6.60 7.01
C ARG A 58 1.49 7.58 6.23
N ASP A 59 0.89 8.39 5.35
CA ASP A 59 1.59 9.45 4.67
C ASP A 59 1.75 10.74 5.50
N GLY A 60 1.37 10.69 6.77
CA GLY A 60 1.44 11.86 7.67
C GLY A 60 0.67 13.10 7.22
N GLY A 61 -0.33 12.91 6.37
CA GLY A 61 -1.16 14.01 5.86
C GLY A 61 -0.85 14.47 4.45
N HIS A 62 0.13 13.84 3.81
CA HIS A 62 0.58 14.25 2.49
C HIS A 62 -0.54 14.35 1.44
N ALA A 63 -1.37 13.33 1.30
CA ALA A 63 -2.38 13.31 0.24
C ALA A 63 -3.58 14.18 0.58
N GLY A 64 -4.08 14.05 1.82
CA GLY A 64 -5.37 14.62 2.21
C GLY A 64 -5.30 15.79 3.17
N GLY A 65 -4.12 16.08 3.69
CA GLY A 65 -3.91 17.15 4.67
C GLY A 65 -3.82 16.68 6.09
N ILE A 66 -3.52 17.63 6.99
CA ILE A 66 -3.33 17.40 8.42
C ILE A 66 -4.56 17.93 9.15
N PHE A 67 -5.28 17.03 9.83
CA PHE A 67 -6.55 17.38 10.51
C PHE A 67 -6.99 16.24 11.39
N ASN A 68 -7.74 16.55 12.44
CA ASN A 68 -8.42 15.54 13.26
C ASN A 68 -9.90 15.52 13.10
N ARG A 69 -10.45 16.59 12.52
CA ARG A 69 -11.89 16.69 12.31
C ARG A 69 -12.20 17.68 11.20
N TYR A 70 -13.48 17.77 10.85
CA TYR A 70 -13.96 18.63 9.80
C TYR A 70 -14.86 19.73 10.32
N ASN A 71 -14.96 20.78 9.52
CA ASN A 71 -16.03 21.73 9.64
C ASN A 71 -17.06 21.41 8.57
N ILE A 72 -18.19 20.88 8.96
CA ILE A 72 -19.20 20.48 7.97
C ILE A 72 -20.04 21.68 7.57
N LEU A 73 -20.12 22.00 6.29
CA LEU A 73 -20.76 23.24 5.84
C LEU A 73 -22.17 22.98 5.36
N LYS A 74 -22.38 21.80 4.80
CA LYS A 74 -23.64 21.46 4.21
C LYS A 74 -23.73 19.96 3.97
N ILE A 75 -24.92 19.39 4.22
CA ILE A 75 -25.23 18.04 3.78
C ILE A 75 -26.48 18.07 2.93
N GLN A 76 -26.41 17.48 1.72
CA GLN A 76 -27.51 17.43 0.79
C GLN A 76 -27.91 16.02 0.40
N LYS A 77 -29.23 15.78 0.33
CA LYS A 77 -29.76 14.52 -0.15
C LYS A 77 -29.78 14.57 -1.68
N VAL A 78 -29.23 13.54 -2.30
CA VAL A 78 -29.16 13.41 -3.75
C VAL A 78 -30.36 12.56 -4.22
N CYS A 79 -31.26 13.18 -4.99
CA CYS A 79 -32.47 12.50 -5.50
C CYS A 79 -32.46 12.45 -7.01
N ASN A 80 -32.39 11.24 -7.53
CA ASN A 80 -32.55 10.95 -8.95
C ASN A 80 -33.27 9.60 -9.07
N LYS A 81 -34.52 9.66 -9.48
CA LYS A 81 -35.38 8.49 -9.54
C LYS A 81 -34.79 7.38 -10.43
N LYS A 82 -34.29 7.74 -11.60
CA LYS A 82 -33.75 6.77 -12.53
C LYS A 82 -32.50 6.09 -11.97
N LEU A 83 -31.62 6.86 -11.32
CA LEU A 83 -30.41 6.31 -10.71
C LEU A 83 -30.76 5.41 -9.52
N TRP A 84 -31.82 5.75 -8.77
CA TRP A 84 -32.25 4.95 -7.62
C TRP A 84 -32.83 3.62 -8.10
N GLU A 85 -33.67 3.67 -9.12
CA GLU A 85 -34.24 2.46 -9.67
C GLU A 85 -33.19 1.55 -10.32
N ARG A 86 -32.19 2.13 -10.96
CA ARG A 86 -31.03 1.37 -11.44
C ARG A 86 -30.31 0.63 -10.26
N TYR A 87 -30.14 1.35 -9.16
CA TYR A 87 -29.49 0.75 -8.00
C TYR A 87 -30.33 -0.39 -7.41
N THR A 88 -31.62 -0.15 -7.17
CA THR A 88 -32.49 -1.16 -6.52
C THR A 88 -32.68 -2.40 -7.39
N HIS A 89 -32.66 -2.21 -8.69
CA HIS A 89 -32.76 -3.33 -9.60
C HIS A 89 -31.56 -4.29 -9.46
N ARG A 90 -30.36 -3.72 -9.44
CA ARG A 90 -29.14 -4.52 -9.28
C ARG A 90 -29.09 -5.12 -7.86
N ARG A 91 -29.53 -4.35 -6.87
CA ARG A 91 -29.54 -4.82 -5.50
C ARG A 91 -30.36 -6.12 -5.39
N LYS A 92 -31.54 -6.11 -5.98
CA LYS A 92 -32.40 -7.28 -6.01
C LYS A 92 -31.73 -8.46 -6.71
N GLU A 93 -31.09 -8.22 -7.84
CA GLU A 93 -30.35 -9.28 -8.47
C GLU A 93 -29.26 -9.86 -7.56
N VAL A 94 -28.49 -9.01 -6.89
CA VAL A 94 -27.43 -9.50 -6.02
C VAL A 94 -28.00 -10.33 -4.86
N SER A 95 -29.07 -9.81 -4.32
CA SER A 95 -29.68 -10.39 -3.15
C SER A 95 -30.22 -11.79 -3.51
N GLU A 96 -30.81 -11.94 -4.68
CA GLU A 96 -31.29 -13.24 -5.12
C GLU A 96 -30.15 -14.23 -5.40
N GLU A 97 -28.93 -13.74 -5.67
CA GLU A 97 -27.74 -14.60 -5.82
C GLU A 97 -27.02 -14.92 -4.48
N ASN A 98 -27.55 -14.39 -3.37
CA ASN A 98 -26.83 -14.43 -2.09
C ASN A 98 -27.83 -14.58 -0.94
N HIS A 99 -28.68 -15.59 -1.06
CA HIS A 99 -29.64 -15.98 -0.02
C HIS A 99 -30.38 -14.77 0.56
N ASN A 100 -30.95 -13.97 -0.34
CA ASN A 100 -31.69 -12.73 -0.04
C ASN A 100 -30.98 -11.75 0.88
N HIS A 101 -29.68 -11.60 0.63
CA HIS A 101 -28.87 -10.70 1.41
C HIS A 101 -28.05 -9.84 0.45
N ALA A 102 -28.44 -8.58 0.31
CA ALA A 102 -27.69 -7.59 -0.49
C ALA A 102 -26.36 -7.20 0.12
N ASN A 103 -26.24 -7.35 1.44
CA ASN A 103 -25.06 -6.93 2.17
C ASN A 103 -24.72 -5.46 1.83
N GLU A 104 -25.69 -4.62 2.11
CA GLU A 104 -25.66 -3.20 1.85
C GLU A 104 -25.01 -2.40 2.99
N ARG A 105 -24.08 -1.54 2.60
CA ARG A 105 -23.34 -0.69 3.52
C ARG A 105 -23.48 0.80 3.09
N MET A 106 -23.20 1.68 4.01
CA MET A 106 -23.07 3.10 3.74
C MET A 106 -21.59 3.42 3.90
N LEU A 107 -21.01 3.95 2.83
CA LEU A 107 -19.56 4.11 2.70
C LEU A 107 -19.23 5.42 1.99
N PHE A 108 -18.01 5.93 2.21
CA PHE A 108 -17.57 7.18 1.66
C PHE A 108 -16.87 6.99 0.33
N HIS A 109 -16.98 8.03 -0.50
CA HIS A 109 -16.28 8.09 -1.76
C HIS A 109 -15.87 9.52 -1.96
N GLY A 110 -14.59 9.70 -2.24
CA GLY A 110 -14.04 11.03 -2.60
C GLY A 110 -13.47 11.01 -3.99
N SER A 111 -13.78 12.02 -4.81
CA SER A 111 -13.43 11.98 -6.23
C SER A 111 -13.42 13.35 -6.90
N PRO A 112 -12.45 13.57 -7.83
CA PRO A 112 -12.63 14.76 -8.65
C PRO A 112 -13.91 14.74 -9.47
N PHE A 113 -14.51 13.56 -9.67
CA PHE A 113 -15.66 13.44 -10.58
C PHE A 113 -17.01 13.52 -9.86
N VAL A 114 -16.97 14.00 -8.64
CA VAL A 114 -18.14 14.01 -7.77
C VAL A 114 -19.35 14.66 -8.48
N ASN A 115 -19.10 15.70 -9.27
CA ASN A 115 -20.20 16.36 -9.94
C ASN A 115 -20.82 15.55 -11.06
N ALA A 116 -20.04 14.79 -11.83
CA ALA A 116 -20.62 13.83 -12.79
C ALA A 116 -21.33 12.60 -12.15
N ILE A 117 -20.87 12.18 -10.98
CA ILE A 117 -21.44 10.99 -10.35
C ILE A 117 -22.87 11.29 -9.91
N ILE A 118 -23.09 12.44 -9.34
CA ILE A 118 -24.42 12.75 -8.81
C ILE A 118 -25.45 12.99 -9.90
N HIS A 119 -25.01 13.39 -11.09
CA HIS A 119 -25.93 13.59 -12.23
C HIS A 119 -26.12 12.37 -13.08
N LYS A 120 -25.05 11.61 -13.31
CA LYS A 120 -25.09 10.48 -14.24
C LYS A 120 -24.87 9.12 -13.60
N GLY A 121 -24.58 9.09 -12.31
CA GLY A 121 -24.31 7.84 -11.62
C GLY A 121 -22.85 7.37 -11.78
N PHE A 122 -22.50 6.37 -10.99
CA PHE A 122 -21.19 5.74 -11.09
C PHE A 122 -21.06 4.93 -12.38
N ASP A 123 -19.93 5.04 -13.05
CA ASP A 123 -19.61 4.13 -14.15
C ASP A 123 -18.07 3.98 -14.30
N GLU A 124 -17.66 3.24 -15.31
CA GLU A 124 -16.22 2.92 -15.50
C GLU A 124 -15.29 4.14 -15.58
N ARG A 125 -15.83 5.27 -15.98
CA ARG A 125 -15.06 6.50 -15.95
C ARG A 125 -14.65 6.93 -14.55
N HIS A 126 -15.26 6.34 -13.51
CA HIS A 126 -14.98 6.75 -12.10
C HIS A 126 -14.11 5.75 -11.32
N ALA A 127 -13.65 4.72 -12.03
CA ALA A 127 -12.81 3.64 -11.50
C ALA A 127 -11.40 4.11 -11.19
N TYR A 128 -10.79 3.48 -10.19
CA TYR A 128 -9.39 3.67 -9.86
C TYR A 128 -8.62 2.59 -10.61
N ILE A 129 -8.14 2.93 -11.81
CA ILE A 129 -7.59 1.90 -12.68
C ILE A 129 -6.38 1.24 -12.01
N GLY A 130 -5.55 2.03 -11.34
CA GLY A 130 -4.37 1.50 -10.71
C GLY A 130 -4.51 1.02 -9.27
N GLY A 131 -5.73 0.78 -8.81
CA GLY A 131 -5.94 0.40 -7.42
C GLY A 131 -5.44 -1.00 -7.11
N MET A 132 -5.22 -1.30 -5.83
CA MET A 132 -4.55 -2.53 -5.41
C MET A 132 -5.44 -3.75 -5.56
N PHE A 133 -6.73 -3.55 -5.79
CA PHE A 133 -7.66 -4.65 -6.00
C PHE A 133 -8.19 -4.64 -7.41
N GLY A 134 -7.51 -3.92 -8.29
CA GLY A 134 -7.81 -3.90 -9.73
C GLY A 134 -8.70 -2.72 -10.08
N ALA A 135 -9.08 -2.64 -11.34
CA ALA A 135 -9.78 -1.50 -11.84
C ALA A 135 -11.23 -1.64 -11.40
N GLY A 136 -11.61 -0.88 -10.37
CA GLY A 136 -12.98 -0.82 -9.93
C GLY A 136 -13.22 0.48 -9.20
N ILE A 137 -14.40 0.61 -8.61
CA ILE A 137 -14.75 1.83 -7.95
C ILE A 137 -14.63 1.58 -6.45
N TYR A 138 -13.82 2.41 -5.81
CA TYR A 138 -13.34 2.18 -4.46
C TYR A 138 -14.16 3.00 -3.44
N PHE A 139 -14.40 2.41 -2.28
CA PHE A 139 -15.14 3.05 -1.19
C PHE A 139 -14.47 2.77 0.13
N ALA A 140 -14.61 3.67 1.10
CA ALA A 140 -13.98 3.53 2.42
C ALA A 140 -14.92 3.69 3.59
N GLU A 141 -14.61 2.93 4.65
CA GLU A 141 -15.23 3.15 5.92
C GLU A 141 -14.69 4.39 6.57
N ASN A 142 -13.40 4.69 6.39
CA ASN A 142 -12.84 5.90 6.95
C ASN A 142 -13.12 7.13 6.07
N SER A 143 -13.82 8.12 6.59
CA SER A 143 -14.05 9.32 5.81
C SER A 143 -12.71 9.97 5.40
N SER A 144 -11.71 9.93 6.27
CA SER A 144 -10.40 10.52 5.99
C SER A 144 -9.60 9.82 4.87
N LYS A 145 -9.90 8.56 4.60
CA LYS A 145 -9.32 7.86 3.45
C LYS A 145 -9.89 8.34 2.13
N SER A 146 -11.23 8.43 2.06
CA SER A 146 -11.86 9.05 0.89
C SER A 146 -11.45 10.50 0.70
N ASN A 147 -11.23 11.24 1.79
CA ASN A 147 -10.73 12.63 1.68
C ASN A 147 -9.39 12.77 0.93
N GLN A 148 -8.61 11.69 0.90
CA GLN A 148 -7.33 11.66 0.19
C GLN A 148 -7.47 11.63 -1.32
N TYR A 149 -8.65 11.34 -1.86
CA TYR A 149 -8.85 11.28 -3.30
C TYR A 149 -9.70 12.46 -3.88
N VAL A 150 -10.15 13.36 -3.02
CA VAL A 150 -11.03 14.49 -3.42
C VAL A 150 -10.38 15.34 -4.48
N TYR A 151 -9.09 15.65 -4.32
CA TYR A 151 -8.34 16.36 -5.35
C TYR A 151 -7.55 15.46 -6.33
N GLY A 152 -7.88 14.18 -6.36
CA GLY A 152 -7.26 13.25 -7.30
C GLY A 152 -6.47 12.17 -6.56
N ILE A 153 -5.90 11.23 -7.33
CA ILE A 153 -5.09 10.18 -6.75
C ILE A 153 -3.86 10.80 -6.04
N GLY A 154 -3.58 10.36 -4.82
CA GLY A 154 -2.47 10.96 -4.07
C GLY A 154 -2.80 12.38 -3.61
N GLY A 155 -4.06 12.78 -3.74
CA GLY A 155 -4.43 14.18 -3.48
C GLY A 155 -4.11 15.14 -4.63
N GLY A 156 -3.62 14.60 -5.75
CA GLY A 156 -3.28 15.40 -6.97
C GLY A 156 -2.31 16.52 -6.68
N THR A 157 -2.65 17.74 -7.08
CA THR A 157 -1.87 18.91 -6.67
C THR A 157 -2.61 19.79 -5.63
N GLY A 158 -3.62 19.22 -4.99
CA GLY A 158 -4.36 19.92 -3.96
C GLY A 158 -5.43 20.78 -4.58
N CYS A 159 -5.93 21.71 -3.78
CA CYS A 159 -7.05 22.56 -4.13
C CYS A 159 -6.76 23.36 -5.40
N PRO A 160 -7.78 23.60 -6.24
CA PRO A 160 -7.54 24.37 -7.46
C PRO A 160 -7.04 25.80 -7.21
N VAL A 161 -7.48 26.41 -6.13
CA VAL A 161 -7.20 27.82 -5.92
C VAL A 161 -5.79 28.00 -5.40
N HIS A 162 -5.41 27.23 -4.38
CA HIS A 162 -4.11 27.41 -3.72
C HIS A 162 -3.06 26.34 -4.01
N LYS A 163 -3.40 25.30 -4.77
CA LYS A 163 -2.52 24.13 -4.92
C LYS A 163 -2.06 23.49 -3.61
N ASP A 164 -2.93 23.41 -2.61
CA ASP A 164 -2.51 22.96 -1.30
C ASP A 164 -3.38 21.74 -0.91
N ARG A 165 -2.76 20.56 -0.88
CA ARG A 165 -3.43 19.32 -0.47
C ARG A 165 -3.96 19.35 0.95
N SER A 166 -3.35 20.20 1.78
CA SER A 166 -3.81 20.44 3.13
C SER A 166 -4.52 21.79 3.25
N CYS A 167 -5.13 22.30 2.18
CA CYS A 167 -5.82 23.60 2.28
C CYS A 167 -6.91 23.58 3.31
N TYR A 168 -6.85 24.51 4.26
CA TYR A 168 -7.90 24.68 5.28
C TYR A 168 -9.02 25.68 4.90
N ILE A 169 -8.90 26.29 3.72
CA ILE A 169 -9.79 27.37 3.32
C ILE A 169 -10.86 26.85 2.37
N CYS A 170 -10.41 26.15 1.34
CA CYS A 170 -11.28 25.71 0.26
C CYS A 170 -12.25 24.61 0.73
N HIS A 171 -13.46 24.66 0.13
CA HIS A 171 -14.57 23.78 0.44
C HIS A 171 -14.42 22.50 -0.33
N ARG A 172 -14.52 21.36 0.35
CA ARG A 172 -14.38 20.04 -0.27
C ARG A 172 -15.72 19.35 -0.22
N GLN A 173 -15.86 18.36 -1.07
CA GLN A 173 -17.06 17.54 -1.11
C GLN A 173 -16.71 16.07 -1.11
N LEU A 174 -17.45 15.27 -0.33
CA LEU A 174 -17.37 13.81 -0.34
C LEU A 174 -18.78 13.30 -0.59
N LEU A 175 -18.89 12.07 -1.09
CA LEU A 175 -20.14 11.33 -1.10
C LEU A 175 -20.20 10.30 0.01
N PHE A 176 -21.39 10.17 0.62
CA PHE A 176 -21.75 9.10 1.51
C PHE A 176 -22.78 8.24 0.76
N CYS A 177 -22.36 7.04 0.38
CA CYS A 177 -23.02 6.24 -0.63
C CYS A 177 -23.61 4.94 -0.10
N ARG A 178 -24.72 4.50 -0.69
CA ARG A 178 -25.30 3.19 -0.36
C ARG A 178 -24.68 2.21 -1.34
N VAL A 179 -24.04 1.15 -0.82
CA VAL A 179 -23.24 0.24 -1.64
C VAL A 179 -23.68 -1.22 -1.38
N THR A 180 -23.97 -1.95 -2.45
CA THR A 180 -24.36 -3.35 -2.37
C THR A 180 -23.08 -4.14 -2.54
N LEU A 181 -22.64 -4.85 -1.50
CA LEU A 181 -21.46 -5.69 -1.61
C LEU A 181 -21.75 -7.17 -2.03
N GLY A 182 -22.95 -7.65 -1.74
CA GLY A 182 -23.27 -9.08 -1.87
C GLY A 182 -22.20 -9.98 -1.23
N LYS A 183 -21.80 -11.02 -1.95
CA LYS A 183 -20.73 -11.92 -1.48
C LYS A 183 -19.42 -11.27 -1.81
N SER A 184 -18.70 -10.80 -0.78
CA SER A 184 -17.50 -10.01 -1.02
C SER A 184 -16.28 -10.90 -0.88
N PHE A 185 -15.33 -10.80 -1.79
CA PHE A 185 -14.07 -11.54 -1.70
C PHE A 185 -13.17 -10.84 -0.68
N LEU A 186 -12.72 -11.55 0.36
CA LEU A 186 -11.87 -11.00 1.42
C LEU A 186 -10.38 -11.10 1.05
N GLN A 187 -9.73 -9.93 0.99
CA GLN A 187 -8.33 -9.81 0.65
C GLN A 187 -7.67 -9.24 1.89
N PHE A 188 -6.78 -9.99 2.51
CA PHE A 188 -6.03 -9.50 3.66
C PHE A 188 -4.87 -8.70 3.06
N SER A 189 -4.48 -7.59 3.66
CA SER A 189 -3.48 -6.74 2.99
C SER A 189 -3.01 -5.59 3.87
N ALA A 190 -1.81 -5.07 3.57
CA ALA A 190 -1.24 -3.90 4.30
C ALA A 190 -1.83 -2.54 3.88
N MET B 2 -12.71 -1.21 -16.60
CA MET B 2 -13.12 -1.85 -15.34
C MET B 2 -12.93 -3.39 -15.38
N ALA B 3 -12.27 -3.95 -14.36
CA ALA B 3 -12.08 -5.40 -14.25
C ALA B 3 -13.42 -6.05 -13.87
N HIS B 4 -13.39 -7.33 -13.50
CA HIS B 4 -14.55 -8.04 -13.01
C HIS B 4 -14.31 -8.50 -11.58
N SER B 5 -15.39 -8.64 -10.83
CA SER B 5 -15.37 -9.30 -9.52
C SER B 5 -14.71 -10.66 -9.68
N PRO B 6 -14.00 -11.15 -8.65
CA PRO B 6 -13.57 -12.56 -8.72
C PRO B 6 -14.77 -13.49 -8.94
N PRO B 7 -14.58 -14.57 -9.73
CA PRO B 7 -15.72 -15.46 -10.01
C PRO B 7 -16.49 -15.84 -8.74
N GLY B 8 -17.81 -15.71 -8.79
CA GLY B 8 -18.66 -16.09 -7.65
C GLY B 8 -18.84 -15.04 -6.56
N HIS B 9 -18.33 -13.83 -6.77
CA HIS B 9 -18.40 -12.74 -5.81
C HIS B 9 -18.93 -11.48 -6.48
N HIS B 10 -19.41 -10.54 -5.68
CA HIS B 10 -19.99 -9.30 -6.20
C HIS B 10 -19.17 -8.04 -5.86
N SER B 11 -18.10 -8.21 -5.09
CA SER B 11 -17.24 -7.11 -4.67
C SER B 11 -15.98 -7.68 -4.06
N VAL B 12 -15.03 -6.81 -3.75
CA VAL B 12 -13.87 -7.18 -2.99
C VAL B 12 -13.82 -6.35 -1.70
N THR B 13 -13.41 -6.98 -0.60
CA THR B 13 -13.13 -6.29 0.66
C THR B 13 -11.66 -6.28 0.95
N GLY B 14 -11.09 -5.09 1.08
CA GLY B 14 -9.70 -4.98 1.54
C GLY B 14 -9.64 -4.86 3.06
N ARG B 15 -9.24 -5.95 3.71
CA ARG B 15 -9.15 -6.02 5.15
C ARG B 15 -7.79 -5.44 5.58
N PRO B 16 -7.81 -4.41 6.41
CA PRO B 16 -6.53 -3.88 6.90
C PRO B 16 -5.76 -4.96 7.69
N SER B 17 -4.48 -5.17 7.37
CA SER B 17 -3.67 -6.29 7.96
C SER B 17 -2.28 -5.89 8.49
N VAL B 18 -2.12 -4.63 8.88
CA VAL B 18 -0.86 -4.11 9.45
C VAL B 18 -1.22 -3.02 10.50
N ASN B 19 -1.76 -1.91 9.99
CA ASN B 19 -2.25 -0.79 10.77
C ASN B 19 -3.59 -1.18 11.41
N GLY B 20 -3.47 -1.47 12.71
CA GLY B 20 -4.59 -1.83 13.52
C GLY B 20 -5.64 -0.76 13.69
N LEU B 21 -5.37 0.49 13.34
CA LEU B 21 -6.43 1.49 13.40
C LEU B 21 -7.29 1.58 12.13
N ALA B 22 -6.86 0.98 11.04
CA ALA B 22 -7.49 1.26 9.76
C ALA B 22 -8.78 0.48 9.65
N LEU B 23 -9.83 1.11 9.12
CA LEU B 23 -11.02 0.39 8.69
C LEU B 23 -10.87 -0.13 7.25
N ALA B 24 -11.85 -0.95 6.86
CA ALA B 24 -11.87 -1.63 5.63
C ALA B 24 -12.22 -0.69 4.48
N GLU B 25 -11.79 -1.12 3.30
CA GLU B 25 -12.06 -0.47 2.03
C GLU B 25 -12.66 -1.55 1.15
N TYR B 26 -13.44 -1.14 0.17
CA TYR B 26 -14.25 -2.05 -0.65
C TYR B 26 -14.21 -1.61 -2.10
N VAL B 27 -14.36 -2.57 -3.00
CA VAL B 27 -14.37 -2.31 -4.44
C VAL B 27 -15.55 -3.04 -5.04
N ILE B 28 -16.27 -2.32 -5.90
CA ILE B 28 -17.30 -2.90 -6.74
C ILE B 28 -16.88 -2.69 -8.20
N TYR B 29 -17.43 -3.52 -9.07
CA TYR B 29 -16.99 -3.54 -10.47
C TYR B 29 -18.12 -3.21 -11.42
N ARG B 30 -19.27 -2.82 -10.88
CA ARG B 30 -20.38 -2.31 -11.67
C ARG B 30 -20.91 -1.07 -10.97
N GLY B 31 -21.00 0.04 -11.71
CA GLY B 31 -21.53 1.29 -11.19
C GLY B 31 -22.90 1.26 -10.54
N GLU B 32 -23.75 0.37 -11.01
CA GLU B 32 -25.12 0.20 -10.52
C GLU B 32 -25.23 -0.36 -9.11
N GLN B 33 -24.12 -0.87 -8.56
CA GLN B 33 -24.04 -1.31 -7.16
C GLN B 33 -23.80 -0.23 -6.12
N ALA B 34 -23.83 1.04 -6.51
CA ALA B 34 -23.76 2.11 -5.56
C ALA B 34 -24.69 3.25 -5.96
N TYR B 35 -25.22 3.92 -4.97
CA TYR B 35 -26.04 5.10 -5.15
C TYR B 35 -25.46 6.25 -4.28
N PRO B 36 -25.15 7.39 -4.89
CA PRO B 36 -24.51 8.51 -4.19
C PRO B 36 -25.53 9.28 -3.40
N GLU B 37 -25.84 8.85 -2.17
CA GLU B 37 -27.03 9.32 -1.44
C GLU B 37 -26.93 10.70 -0.76
N TYR B 38 -25.77 11.01 -0.15
CA TYR B 38 -25.55 12.27 0.50
C TYR B 38 -24.31 12.95 -0.07
N LEU B 39 -24.44 14.23 -0.38
CA LEU B 39 -23.34 15.10 -0.81
C LEU B 39 -22.97 15.99 0.37
N ILE B 40 -21.76 15.83 0.90
CA ILE B 40 -21.31 16.52 2.09
C ILE B 40 -20.25 17.60 1.74
N THR B 41 -20.53 18.86 2.07
CA THR B 41 -19.59 19.96 1.81
C THR B 41 -18.90 20.32 3.14
N TYR B 42 -17.57 20.35 3.12
CA TYR B 42 -16.78 20.51 4.35
C TYR B 42 -15.42 21.15 4.12
N GLN B 43 -14.79 21.57 5.22
CA GLN B 43 -13.38 21.89 5.20
C GLN B 43 -12.67 20.98 6.20
N ILE B 44 -11.42 20.65 5.95
CA ILE B 44 -10.62 19.98 7.00
C ILE B 44 -10.21 21.10 7.99
N MET B 45 -10.06 20.78 9.28
CA MET B 45 -9.69 21.81 10.28
C MET B 45 -8.28 21.64 10.81
N ARG B 46 -7.50 22.72 10.77
CA ARG B 46 -6.14 22.73 11.35
C ARG B 46 -6.20 22.33 12.83
N PRO B 47 -5.45 21.29 13.26
CA PRO B 47 -5.39 21.00 14.72
C PRO B 47 -4.84 22.18 15.51
N GLU B 48 -5.18 22.31 16.78
CA GLU B 48 -4.89 23.55 17.53
C GLU B 48 -3.47 23.64 18.07
N GLY C 30 8.17 8.01 13.79
CA GLY C 30 8.49 9.20 12.94
C GLY C 30 8.56 8.87 11.45
N THR C 31 8.09 7.70 11.04
CA THR C 31 8.21 7.29 9.64
C THR C 31 6.96 7.73 8.92
N ILE C 32 7.10 8.25 7.71
CA ILE C 32 5.96 8.42 6.81
C ILE C 32 6.25 7.74 5.47
N LEU C 33 5.19 7.27 4.83
CA LEU C 33 5.29 6.57 3.58
C LEU C 33 4.57 7.40 2.55
N ILE C 34 5.23 7.68 1.43
CA ILE C 34 4.67 8.50 0.36
C ILE C 34 4.51 7.57 -0.85
N ASP C 35 3.31 7.49 -1.39
CA ASP C 35 3.03 6.66 -2.58
C ASP C 35 3.67 7.22 -3.82
N LEU C 36 4.35 6.40 -4.59
CA LEU C 36 4.84 6.82 -5.89
C LEU C 36 3.75 6.50 -6.92
N SER C 37 3.61 7.38 -7.90
CA SER C 37 2.68 7.14 -8.99
C SER C 37 3.30 6.16 -9.96
N PRO C 38 2.52 5.23 -10.50
CA PRO C 38 3.05 4.36 -11.56
C PRO C 38 3.57 5.12 -12.79
N ASP C 39 3.13 6.37 -12.96
CA ASP C 39 3.57 7.18 -14.08
C ASP C 39 4.90 7.90 -13.87
N ASP C 40 5.40 7.85 -12.63
CA ASP C 40 6.68 8.44 -12.24
C ASP C 40 7.84 7.51 -12.68
N LYS C 41 8.88 8.09 -13.23
CA LYS C 41 10.08 7.34 -13.58
C LYS C 41 10.71 6.61 -12.38
N GLU C 42 10.61 7.20 -11.19
CA GLU C 42 11.11 6.55 -9.98
C GLU C 42 10.42 5.19 -9.69
N PHE C 43 9.09 5.16 -9.79
CA PHE C 43 8.31 3.92 -9.67
C PHE C 43 8.80 2.94 -10.71
N GLN C 44 8.95 3.43 -11.94
CA GLN C 44 9.21 2.53 -13.05
C GLN C 44 10.57 1.89 -12.93
N SER C 45 11.51 2.66 -12.42
CA SER C 45 12.83 2.19 -12.21
C SER C 45 12.91 1.12 -11.10
N VAL C 46 12.22 1.36 -10.00
CA VAL C 46 12.16 0.35 -8.96
C VAL C 46 11.45 -0.94 -9.41
N GLU C 47 10.35 -0.81 -10.16
CA GLU C 47 9.72 -2.02 -10.72
C GLU C 47 10.64 -2.83 -11.66
N GLU C 48 11.33 -2.14 -12.56
CA GLU C 48 12.22 -2.84 -13.49
C GLU C 48 13.35 -3.54 -12.74
N GLU C 49 13.85 -2.94 -11.66
CA GLU C 49 14.84 -3.58 -10.84
C GLU C 49 14.27 -4.86 -10.20
N MET C 50 13.05 -4.79 -9.69
CA MET C 50 12.34 -6.02 -9.25
C MET C 50 12.18 -7.13 -10.33
N GLN C 51 11.54 -6.77 -11.44
CA GLN C 51 11.22 -7.75 -12.51
C GLN C 51 12.48 -8.32 -13.14
N SER C 52 13.48 -7.48 -13.33
CA SER C 52 14.66 -7.87 -14.11
C SER C 52 15.62 -8.71 -13.28
N THR C 53 15.39 -8.85 -11.97
CA THR C 53 16.30 -9.64 -11.16
C THR C 53 15.63 -10.89 -10.60
N VAL C 54 14.53 -11.29 -11.19
CA VAL C 54 13.94 -12.57 -10.89
C VAL C 54 14.81 -13.66 -11.56
N ARG C 55 15.11 -14.71 -10.83
CA ARG C 55 15.79 -15.88 -11.42
C ARG C 55 15.17 -17.15 -10.90
N GLU C 56 15.64 -18.26 -11.46
CA GLU C 56 15.27 -19.57 -10.97
C GLU C 56 16.09 -19.89 -9.78
N HIS C 57 15.49 -20.66 -8.87
CA HIS C 57 16.10 -21.11 -7.63
C HIS C 57 16.26 -22.65 -7.54
N ARG C 58 17.30 -23.13 -6.88
CA ARG C 58 17.62 -24.57 -6.91
C ARG C 58 16.61 -25.38 -6.11
N ASP C 59 15.77 -24.72 -5.32
CA ASP C 59 14.66 -25.41 -4.63
C ASP C 59 13.40 -25.61 -5.45
N GLY C 60 13.49 -25.30 -6.72
CA GLY C 60 12.34 -25.39 -7.61
C GLY C 60 11.16 -24.49 -7.25
N GLY C 61 11.35 -23.47 -6.43
CA GLY C 61 10.19 -22.69 -5.93
C GLY C 61 9.66 -23.03 -4.53
N HIS C 62 10.27 -24.02 -3.86
CA HIS C 62 9.80 -24.45 -2.52
C HIS C 62 9.63 -23.29 -1.50
N ALA C 63 10.69 -22.52 -1.26
CA ALA C 63 10.62 -21.42 -0.30
C ALA C 63 9.80 -20.20 -0.77
N GLY C 64 10.03 -19.76 -2.00
CA GLY C 64 9.44 -18.52 -2.47
C GLY C 64 8.22 -18.58 -3.35
N GLY C 65 7.92 -19.77 -3.87
CA GLY C 65 6.94 -19.91 -4.93
C GLY C 65 7.51 -20.01 -6.33
N ILE C 66 6.61 -20.30 -7.24
CA ILE C 66 6.91 -20.54 -8.63
C ILE C 66 6.38 -19.38 -9.43
N PHE C 67 7.27 -18.62 -10.06
CA PHE C 67 6.91 -17.42 -10.82
C PHE C 67 8.09 -16.97 -11.62
N ASN C 68 7.82 -16.25 -12.70
CA ASN C 68 8.81 -15.57 -13.51
C ASN C 68 8.73 -14.06 -13.36
N ARG C 69 7.60 -13.57 -12.85
CA ARG C 69 7.38 -12.13 -12.71
C ARG C 69 6.42 -11.79 -11.59
N TYR C 70 6.38 -10.51 -11.25
CA TYR C 70 5.53 -10.01 -10.17
C TYR C 70 4.42 -9.12 -10.73
N ASN C 71 3.32 -9.05 -10.01
CA ASN C 71 2.36 -7.95 -10.13
C ASN C 71 2.69 -6.89 -9.07
N ILE C 72 3.27 -5.76 -9.47
CA ILE C 72 3.56 -4.70 -8.50
C ILE C 72 2.28 -3.89 -8.18
N LEU C 73 1.92 -3.78 -6.90
CA LEU C 73 0.69 -3.12 -6.50
C LEU C 73 0.95 -1.70 -5.99
N LYS C 74 2.07 -1.48 -5.32
CA LYS C 74 2.37 -0.16 -4.77
C LYS C 74 3.84 -0.04 -4.40
N ILE C 75 4.38 1.16 -4.59
CA ILE C 75 5.75 1.41 -4.22
C ILE C 75 5.73 2.71 -3.43
N GLN C 76 6.14 2.61 -2.19
CA GLN C 76 6.20 3.76 -1.29
C GLN C 76 7.63 4.15 -0.93
N LYS C 77 7.83 5.47 -0.79
CA LYS C 77 9.06 5.99 -0.26
C LYS C 77 8.97 6.02 1.23
N VAL C 78 10.00 5.54 1.90
CA VAL C 78 10.02 5.52 3.38
C VAL C 78 10.84 6.69 3.93
N CYS C 79 10.21 7.57 4.71
CA CYS C 79 10.90 8.78 5.17
C CYS C 79 10.94 8.82 6.67
N ASN C 80 12.14 8.89 7.21
CA ASN C 80 12.33 8.99 8.63
C ASN C 80 13.64 9.71 8.86
N LYS C 81 13.53 10.96 9.29
CA LYS C 81 14.66 11.86 9.43
C LYS C 81 15.74 11.29 10.38
N LYS C 82 15.30 10.80 11.52
CA LYS C 82 16.22 10.26 12.50
C LYS C 82 16.93 9.02 11.99
N LEU C 83 16.18 8.06 11.44
CA LEU C 83 16.82 6.85 10.85
C LEU C 83 17.76 7.17 9.70
N TRP C 84 17.42 8.20 8.93
CA TRP C 84 18.26 8.67 7.83
C TRP C 84 19.57 9.28 8.37
N GLU C 85 19.46 10.10 9.42
CA GLU C 85 20.64 10.69 10.03
C GLU C 85 21.52 9.60 10.64
N ARG C 86 20.91 8.62 11.31
CA ARG C 86 21.61 7.42 11.77
C ARG C 86 22.38 6.77 10.61
N TYR C 87 21.70 6.49 9.50
CA TYR C 87 22.35 5.91 8.32
C TYR C 87 23.53 6.78 7.82
N THR C 88 23.33 8.06 7.61
CA THR C 88 24.35 8.91 6.95
C THR C 88 25.55 9.22 7.83
N HIS C 89 25.33 9.20 9.13
CA HIS C 89 26.43 9.33 10.08
C HIS C 89 27.33 8.10 10.01
N ARG C 90 26.74 6.90 9.95
CA ARG C 90 27.52 5.66 9.85
C ARG C 90 28.20 5.57 8.48
N ARG C 91 27.56 6.08 7.44
CA ARG C 91 28.11 6.02 6.09
C ARG C 91 29.38 6.87 5.99
N LYS C 92 29.38 7.97 6.74
CA LYS C 92 30.48 8.90 6.77
C LYS C 92 31.67 8.28 7.46
N GLU C 93 31.43 7.56 8.56
CA GLU C 93 32.50 6.84 9.25
C GLU C 93 33.07 5.77 8.35
N VAL C 94 32.20 5.00 7.71
CA VAL C 94 32.67 3.87 6.90
C VAL C 94 33.47 4.41 5.73
N SER C 95 32.93 5.46 5.12
CA SER C 95 33.55 6.05 3.98
C SER C 95 34.93 6.63 4.32
N GLU C 96 35.07 7.31 5.46
CA GLU C 96 36.41 7.82 5.87
C GLU C 96 37.37 6.66 6.17
N GLU C 97 36.90 5.61 6.83
CA GLU C 97 37.71 4.41 7.03
C GLU C 97 38.05 3.67 5.77
N ASN C 98 37.24 3.83 4.73
CA ASN C 98 37.50 3.12 3.48
C ASN C 98 38.04 4.07 2.41
N HIS C 99 38.80 5.08 2.86
CA HIS C 99 39.51 6.00 1.97
C HIS C 99 38.61 6.76 1.02
N ASN C 100 37.56 7.35 1.61
CA ASN C 100 36.54 8.13 0.91
C ASN C 100 35.71 7.34 -0.13
N HIS C 101 35.31 6.13 0.26
CA HIS C 101 34.47 5.29 -0.61
C HIS C 101 33.50 4.49 0.26
N ALA C 102 32.26 4.95 0.29
CA ALA C 102 31.19 4.32 1.06
C ALA C 102 30.81 2.97 0.47
N ASN C 103 30.94 2.85 -0.87
CA ASN C 103 30.60 1.62 -1.62
C ASN C 103 29.13 1.25 -1.33
N GLU C 104 28.25 2.22 -1.62
CA GLU C 104 26.86 2.17 -1.29
C GLU C 104 26.07 1.55 -2.45
N ARG C 105 25.18 0.60 -2.13
CA ARG C 105 24.38 -0.10 -3.15
C ARG C 105 22.89 0.02 -2.83
N MET C 106 22.06 -0.30 -3.83
CA MET C 106 20.62 -0.51 -3.59
C MET C 106 20.38 -2.00 -3.67
N LEU C 107 19.87 -2.59 -2.60
CA LEU C 107 19.70 -4.01 -2.50
C LEU C 107 18.34 -4.39 -1.90
N PHE C 108 17.87 -5.60 -2.19
CA PHE C 108 16.58 -6.07 -1.71
C PHE C 108 16.74 -6.72 -0.35
N HIS C 109 15.69 -6.61 0.45
CA HIS C 109 15.56 -7.33 1.73
C HIS C 109 14.11 -7.76 1.85
N GLY C 110 13.92 -9.05 2.16
CA GLY C 110 12.59 -9.61 2.40
C GLY C 110 12.56 -10.16 3.82
N SER C 111 11.51 -9.86 4.57
CA SER C 111 11.48 -10.26 5.97
C SER C 111 10.10 -10.22 6.63
N PRO C 112 9.79 -11.19 7.52
CA PRO C 112 8.58 -11.00 8.36
C PRO C 112 8.59 -9.75 9.27
N PHE C 113 9.72 -9.07 9.44
CA PHE C 113 9.79 -7.91 10.33
C PHE C 113 9.74 -6.59 9.59
N VAL C 114 9.34 -6.65 8.32
CA VAL C 114 9.36 -5.48 7.45
C VAL C 114 8.63 -4.29 8.11
N ASN C 115 7.55 -4.56 8.85
CA ASN C 115 6.82 -3.45 9.47
C ASN C 115 7.63 -2.80 10.60
N ALA C 116 8.32 -3.59 11.41
CA ALA C 116 9.18 -3.02 12.45
C ALA C 116 10.41 -2.30 11.89
N ILE C 117 10.96 -2.82 10.81
CA ILE C 117 12.15 -2.26 10.20
C ILE C 117 11.88 -0.83 9.75
N ILE C 118 10.78 -0.62 9.05
CA ILE C 118 10.50 0.70 8.51
C ILE C 118 10.19 1.71 9.63
N HIS C 119 9.71 1.23 10.79
CA HIS C 119 9.37 2.18 11.86
C HIS C 119 10.52 2.46 12.78
N LYS C 120 11.34 1.43 13.05
CA LYS C 120 12.44 1.56 13.99
C LYS C 120 13.81 1.26 13.42
N GLY C 121 13.91 0.95 12.12
CA GLY C 121 15.24 0.74 11.51
C GLY C 121 15.75 -0.68 11.65
N PHE C 122 16.83 -0.99 10.94
CA PHE C 122 17.43 -2.31 11.08
C PHE C 122 18.19 -2.41 12.40
N ASP C 123 18.06 -3.54 13.09
CA ASP C 123 18.93 -3.84 14.24
C ASP C 123 19.09 -5.36 14.40
N GLU C 124 19.74 -5.81 15.48
CA GLU C 124 20.08 -7.25 15.70
C GLU C 124 18.90 -8.23 15.61
N ARG C 125 17.68 -7.76 15.94
CA ARG C 125 16.47 -8.60 15.81
C ARG C 125 16.17 -9.06 14.37
N HIS C 126 16.77 -8.37 13.40
CA HIS C 126 16.50 -8.63 11.96
C HIS C 126 17.58 -9.45 11.23
N ALA C 127 18.52 -9.99 12.01
CA ALA C 127 19.63 -10.79 11.50
C ALA C 127 19.22 -12.19 11.16
N TYR C 128 20.01 -12.82 10.30
CA TYR C 128 19.81 -14.23 10.00
C TYR C 128 20.86 -14.97 10.82
N ILE C 129 20.46 -15.42 12.01
CA ILE C 129 21.41 -16.02 12.96
C ILE C 129 22.17 -17.20 12.30
N GLY C 130 21.49 -18.09 11.59
CA GLY C 130 22.22 -19.16 10.88
C GLY C 130 22.57 -18.91 9.43
N GLY C 131 22.79 -17.64 9.04
CA GLY C 131 23.20 -17.33 7.67
C GLY C 131 24.56 -17.97 7.38
N MET C 132 24.83 -18.28 6.13
CA MET C 132 26.10 -18.88 5.73
C MET C 132 27.35 -18.00 5.90
N PHE C 133 27.19 -16.69 6.05
CA PHE C 133 28.31 -15.79 6.29
C PHE C 133 28.25 -15.16 7.67
N GLY C 134 27.62 -15.87 8.61
CA GLY C 134 27.59 -15.43 9.99
C GLY C 134 26.31 -14.70 10.31
N ALA C 135 26.10 -14.44 11.59
CA ALA C 135 24.91 -13.77 12.05
C ALA C 135 25.01 -12.28 11.68
N GLY C 136 24.26 -11.87 10.65
CA GLY C 136 24.19 -10.45 10.27
C GLY C 136 22.92 -10.24 9.49
N ILE C 137 22.78 -9.06 8.91
CA ILE C 137 21.59 -8.71 8.12
C ILE C 137 21.94 -8.90 6.63
N TYR C 138 21.12 -9.70 5.96
CA TYR C 138 21.39 -10.17 4.63
C TYR C 138 20.57 -9.43 3.59
N PHE C 139 21.21 -9.14 2.46
CA PHE C 139 20.59 -8.44 1.35
C PHE C 139 20.93 -9.16 0.05
N ALA C 140 20.07 -8.98 -0.94
CA ALA C 140 20.19 -9.66 -2.23
C ALA C 140 20.05 -8.71 -3.44
N GLU C 141 20.91 -8.91 -4.46
CA GLU C 141 20.70 -8.32 -5.77
C GLU C 141 19.52 -8.95 -6.56
N ASN C 142 19.24 -10.22 -6.34
CA ASN C 142 18.06 -10.88 -6.94
C ASN C 142 16.83 -10.67 -6.10
N SER C 143 15.84 -9.97 -6.64
CA SER C 143 14.60 -9.73 -5.89
C SER C 143 13.95 -11.07 -5.46
N SER C 144 14.05 -12.07 -6.32
CA SER C 144 13.45 -13.41 -6.06
C SER C 144 14.16 -14.11 -4.91
N LYS C 145 15.39 -13.72 -4.60
CA LYS C 145 16.11 -14.30 -3.49
C LYS C 145 15.52 -13.73 -2.19
N SER C 146 15.42 -12.42 -2.10
CA SER C 146 14.74 -11.79 -0.95
C SER C 146 13.29 -12.24 -0.78
N ASN C 147 12.60 -12.53 -1.88
CA ASN C 147 11.21 -13.08 -1.83
C ASN C 147 11.07 -14.42 -1.05
N GLN C 148 12.13 -15.22 -1.04
CA GLN C 148 12.17 -16.48 -0.23
C GLN C 148 12.11 -16.33 1.29
N TYR C 149 12.36 -15.12 1.80
CA TYR C 149 12.39 -14.84 3.24
C TYR C 149 11.20 -13.95 3.70
N VAL C 150 10.35 -13.53 2.77
CA VAL C 150 9.20 -12.68 3.12
C VAL C 150 8.33 -13.34 4.18
N TYR C 151 8.05 -14.62 4.00
CA TYR C 151 7.31 -15.36 5.04
C TYR C 151 8.22 -16.11 6.05
N GLY C 152 9.51 -15.77 6.08
CA GLY C 152 10.43 -16.29 7.09
C GLY C 152 11.48 -17.16 6.43
N ILE C 153 12.38 -17.71 7.23
CA ILE C 153 13.47 -18.54 6.72
C ILE C 153 12.86 -19.77 6.06
N GLY C 154 13.36 -20.14 4.89
CA GLY C 154 12.78 -21.28 4.14
C GLY C 154 11.38 -21.00 3.58
N GLY C 155 10.93 -19.75 3.69
CA GLY C 155 9.54 -19.39 3.44
C GLY C 155 8.54 -19.71 4.56
N GLY C 156 9.04 -20.11 5.74
CA GLY C 156 8.21 -20.56 6.87
C GLY C 156 7.12 -21.50 6.39
N THR C 157 5.88 -21.23 6.76
CA THR C 157 4.73 -22.02 6.28
C THR C 157 3.92 -21.22 5.24
N GLY C 158 4.57 -20.25 4.59
CA GLY C 158 3.93 -19.49 3.55
C GLY C 158 2.98 -18.42 4.13
N CYS C 159 2.00 -18.03 3.32
CA CYS C 159 1.13 -16.89 3.65
C CYS C 159 0.26 -17.20 4.85
N PRO C 160 -0.07 -16.19 5.65
CA PRO C 160 -0.90 -16.50 6.84
C PRO C 160 -2.25 -17.13 6.50
N VAL C 161 -2.85 -16.71 5.40
CA VAL C 161 -4.25 -17.07 5.10
C VAL C 161 -4.36 -18.46 4.50
N HIS C 162 -3.46 -18.83 3.60
CA HIS C 162 -3.57 -20.09 2.91
C HIS C 162 -2.50 -21.09 3.29
N LYS C 163 -1.51 -20.67 4.07
CA LYS C 163 -0.30 -21.45 4.33
C LYS C 163 0.34 -21.95 3.04
N ASP C 164 0.47 -21.06 2.05
CA ASP C 164 0.98 -21.48 0.76
C ASP C 164 2.20 -20.63 0.43
N ARG C 165 3.36 -21.24 0.38
CA ARG C 165 4.58 -20.48 0.08
C ARG C 165 4.57 -19.89 -1.33
N SER C 166 3.76 -20.52 -2.18
CA SER C 166 3.55 -20.06 -3.54
C SER C 166 2.19 -19.36 -3.77
N CYS C 167 1.63 -18.73 -2.73
CA CYS C 167 0.33 -18.05 -2.87
C CYS C 167 0.40 -16.98 -3.93
N TYR C 168 -0.56 -17.02 -4.85
CA TYR C 168 -0.72 -16.01 -5.92
C TYR C 168 -1.76 -14.95 -5.54
N ILE C 169 -2.41 -15.13 -4.39
CA ILE C 169 -3.47 -14.23 -3.98
C ILE C 169 -2.95 -13.18 -3.00
N CYS C 170 -2.23 -13.61 -1.98
CA CYS C 170 -1.94 -12.71 -0.87
C CYS C 170 -0.84 -11.71 -1.21
N HIS C 171 -1.01 -10.51 -0.70
CA HIS C 171 -0.08 -9.39 -0.87
C HIS C 171 1.22 -9.59 -0.08
N ARG C 172 2.36 -9.45 -0.77
CA ARG C 172 3.67 -9.52 -0.13
C ARG C 172 4.32 -8.14 -0.14
N GLN C 173 5.29 -7.93 0.74
CA GLN C 173 6.07 -6.70 0.75
C GLN C 173 7.58 -7.00 0.81
N LEU C 174 8.36 -6.29 -0.03
CA LEU C 174 9.83 -6.30 -0.01
C LEU C 174 10.28 -4.88 0.29
N LEU C 175 11.51 -4.78 0.76
CA LEU C 175 12.23 -3.52 0.88
C LEU C 175 13.35 -3.45 -0.16
N PHE C 176 13.57 -2.24 -0.66
CA PHE C 176 14.64 -1.97 -1.58
C PHE C 176 15.43 -0.90 -0.83
N CYS C 177 16.62 -1.25 -0.39
CA CYS C 177 17.34 -0.49 0.63
C CYS C 177 18.66 0.07 0.15
N ARG C 178 19.06 1.15 0.77
CA ARG C 178 20.37 1.72 0.56
C ARG C 178 21.32 1.06 1.56
N VAL C 179 22.40 0.43 1.09
CA VAL C 179 23.30 -0.36 1.94
C VAL C 179 24.74 0.10 1.73
N THR C 180 25.41 0.47 2.83
CA THR C 180 26.81 0.91 2.80
C THR C 180 27.65 -0.36 3.02
N LEU C 181 28.46 -0.73 2.05
CA LEU C 181 29.27 -1.96 2.15
C LEU C 181 30.71 -1.71 2.61
N GLY C 182 31.19 -0.49 2.41
CA GLY C 182 32.58 -0.13 2.69
C GLY C 182 33.50 -1.13 2.01
N LYS C 183 34.60 -1.42 2.67
CA LYS C 183 35.48 -2.49 2.27
C LYS C 183 34.82 -3.85 2.53
N SER C 184 34.39 -4.54 1.48
CA SER C 184 33.62 -5.75 1.64
C SER C 184 34.51 -6.99 1.42
N PHE C 185 34.41 -7.97 2.30
CA PHE C 185 35.18 -9.21 2.18
C PHE C 185 34.50 -10.13 1.21
N LEU C 186 35.24 -10.50 0.17
CA LEU C 186 34.72 -11.31 -0.89
C LEU C 186 34.77 -12.80 -0.50
N GLN C 187 33.62 -13.45 -0.46
CA GLN C 187 33.55 -14.86 -0.12
C GLN C 187 32.88 -15.61 -1.27
N PHE C 188 33.51 -16.68 -1.73
CA PHE C 188 32.90 -17.50 -2.78
C PHE C 188 32.23 -18.63 -2.02
N SER C 189 31.01 -18.96 -2.42
CA SER C 189 30.24 -19.97 -1.73
C SER C 189 29.61 -20.88 -2.72
N ALA C 190 29.52 -22.14 -2.34
CA ALA C 190 29.24 -23.22 -3.26
C ALA C 190 27.89 -23.13 -3.94
N MET C 191 27.03 -22.24 -3.45
CA MET C 191 25.71 -22.05 -4.02
C MET C 191 25.69 -21.72 -5.56
N MET D 2 24.67 -11.05 17.05
CA MET D 2 25.15 -10.60 15.70
C MET D 2 26.69 -10.57 15.62
N ALA D 3 27.25 -11.35 14.69
CA ALA D 3 28.71 -11.46 14.48
C ALA D 3 29.33 -10.12 14.05
N HIS D 4 30.65 -10.09 13.89
CA HIS D 4 31.31 -8.88 13.40
C HIS D 4 31.88 -9.08 12.01
N SER D 5 32.10 -7.97 11.32
CA SER D 5 32.71 -8.00 10.02
C SER D 5 34.09 -8.62 10.18
N PRO D 6 34.62 -9.24 9.12
CA PRO D 6 36.02 -9.68 9.17
C PRO D 6 36.91 -8.46 9.41
N PRO D 7 37.95 -8.61 10.26
CA PRO D 7 38.79 -7.44 10.61
C PRO D 7 39.22 -6.60 9.39
N GLY D 8 39.11 -5.28 9.54
CA GLY D 8 39.41 -4.37 8.46
C GLY D 8 38.33 -4.25 7.43
N HIS D 9 37.23 -5.00 7.58
CA HIS D 9 36.14 -4.97 6.58
C HIS D 9 34.85 -4.44 7.18
N HIS D 10 33.93 -3.97 6.35
CA HIS D 10 32.63 -3.47 6.82
C HIS D 10 31.42 -4.33 6.42
N SER D 11 31.67 -5.39 5.64
CA SER D 11 30.63 -6.24 5.10
C SER D 11 31.25 -7.44 4.45
N VAL D 12 30.40 -8.42 4.12
CA VAL D 12 30.77 -9.61 3.35
C VAL D 12 29.94 -9.62 2.09
N THR D 13 30.62 -9.92 0.98
CA THR D 13 30.03 -10.17 -0.34
C THR D 13 30.08 -11.68 -0.64
N GLY D 14 28.89 -12.28 -0.78
CA GLY D 14 28.76 -13.69 -1.16
C GLY D 14 28.55 -13.81 -2.66
N ARG D 15 29.55 -14.35 -3.36
CA ARG D 15 29.48 -14.58 -4.81
C ARG D 15 29.21 -16.06 -5.04
N PRO D 16 28.04 -16.43 -5.59
CA PRO D 16 27.79 -17.84 -5.90
C PRO D 16 28.79 -18.41 -6.91
N SER D 17 29.62 -19.32 -6.46
CA SER D 17 30.69 -19.87 -7.32
C SER D 17 30.18 -20.87 -8.38
N VAL D 18 29.07 -21.56 -8.14
CA VAL D 18 28.62 -22.60 -9.07
C VAL D 18 27.58 -22.14 -10.10
N ASN D 19 26.72 -21.21 -9.71
CA ASN D 19 25.76 -20.64 -10.63
C ASN D 19 26.09 -19.16 -11.01
N GLY D 20 26.77 -18.99 -12.15
CA GLY D 20 27.10 -17.68 -12.66
C GLY D 20 25.90 -16.81 -13.03
N LEU D 21 24.71 -17.42 -13.12
CA LEU D 21 23.43 -16.71 -13.24
C LEU D 21 22.90 -16.08 -11.94
N ALA D 22 23.27 -16.63 -10.78
CA ALA D 22 22.84 -16.10 -9.52
C ALA D 22 23.63 -14.82 -9.20
N LEU D 23 22.93 -13.75 -8.82
CA LEU D 23 23.64 -12.51 -8.43
C LEU D 23 24.18 -12.59 -6.99
N ALA D 24 24.82 -11.54 -6.51
CA ALA D 24 25.54 -11.60 -5.25
C ALA D 24 24.56 -11.33 -4.11
N GLU D 25 24.98 -11.78 -2.94
CA GLU D 25 24.29 -11.56 -1.65
C GLU D 25 25.27 -10.80 -0.77
N TYR D 26 24.76 -9.98 0.15
CA TYR D 26 25.61 -9.18 1.01
C TYR D 26 25.15 -9.22 2.45
N VAL D 27 26.12 -9.14 3.37
CA VAL D 27 25.85 -9.14 4.79
C VAL D 27 26.49 -7.92 5.42
N ILE D 28 25.72 -7.25 6.28
CA ILE D 28 26.25 -6.24 7.18
C ILE D 28 26.06 -6.71 8.62
N TYR D 29 26.88 -6.19 9.52
CA TYR D 29 26.86 -6.56 10.93
C TYR D 29 26.44 -5.40 11.83
N ARG D 30 25.95 -4.32 11.24
CA ARG D 30 25.45 -3.15 11.96
C ARG D 30 24.20 -2.69 11.28
N GLY D 31 23.13 -2.49 12.03
CA GLY D 31 21.88 -2.04 11.44
C GLY D 31 21.97 -0.66 10.80
N GLU D 32 22.85 0.19 11.31
CA GLU D 32 23.01 1.55 10.82
C GLU D 32 23.56 1.65 9.40
N GLN D 33 24.08 0.56 8.85
CA GLN D 33 24.64 0.55 7.49
C GLN D 33 23.61 0.27 6.42
N ALA D 34 22.32 0.29 6.78
CA ALA D 34 21.23 0.11 5.81
C ALA D 34 20.04 1.04 6.15
N TYR D 35 19.45 1.62 5.11
CA TYR D 35 18.27 2.46 5.22
C TYR D 35 17.20 1.88 4.29
N PRO D 36 16.00 1.55 4.83
CA PRO D 36 14.94 0.91 4.02
C PRO D 36 14.17 1.94 3.20
N GLU D 37 14.67 2.25 2.02
CA GLU D 37 14.21 3.43 1.30
C GLU D 37 12.88 3.27 0.58
N TYR D 38 12.62 2.09 0.02
CA TYR D 38 11.36 1.82 -0.68
C TYR D 38 10.69 0.58 -0.12
N LEU D 39 9.38 0.67 0.03
CA LEU D 39 8.52 -0.44 0.42
C LEU D 39 7.63 -0.85 -0.76
N ILE D 40 7.81 -2.09 -1.20
CA ILE D 40 7.17 -2.61 -2.41
C ILE D 40 6.15 -3.66 -2.02
N THR D 41 4.89 -3.43 -2.40
CA THR D 41 3.78 -4.39 -2.21
C THR D 41 3.48 -5.04 -3.54
N TYR D 42 3.40 -6.37 -3.56
CA TYR D 42 3.31 -7.11 -4.83
C TYR D 42 2.66 -8.48 -4.63
N GLN D 43 2.32 -9.13 -5.73
CA GLN D 43 1.99 -10.54 -5.77
C GLN D 43 2.98 -11.19 -6.70
N ILE D 44 3.35 -12.41 -6.40
CA ILE D 44 3.97 -13.26 -7.42
C ILE D 44 2.86 -13.67 -8.41
N MET D 45 3.20 -13.83 -9.69
CA MET D 45 2.25 -14.24 -10.75
C MET D 45 2.47 -15.70 -11.21
N ARG D 46 1.40 -16.50 -11.25
CA ARG D 46 1.48 -17.87 -11.79
C ARG D 46 1.94 -17.85 -13.26
N PRO D 47 2.95 -18.64 -13.64
CA PRO D 47 3.30 -18.69 -15.06
C PRO D 47 2.16 -19.28 -15.90
N GLU D 48 1.99 -18.83 -17.14
CA GLU D 48 0.82 -19.26 -17.92
C GLU D 48 1.04 -20.55 -18.72
CAB A73 E . -12.02 7.19 -3.78
CAD A73 E . -12.19 6.65 -2.52
OAH A73 E . -13.02 7.20 -1.79
CAE A73 E . -11.35 5.61 -2.11
CAO A73 E . -11.48 4.99 -0.89
CAQ A73 E . -10.60 3.95 -0.53
CAR A73 E . -9.58 3.50 -1.39
CAP A73 E . -9.44 4.14 -2.62
CAF A73 E . -10.33 5.16 -2.97
OAC A73 E . -10.20 5.71 -4.21
CAA A73 E . -11.07 6.65 -4.64
CAG A73 E . -10.78 7.13 -5.93
CAI A73 E . -9.63 6.66 -6.57
CAM A73 E . -9.33 7.11 -7.84
CAK A73 E . -10.16 8.03 -8.47
BR1 A73 E . -9.71 8.70 -10.25
CAL A73 E . -11.31 8.50 -7.85
CAJ A73 E . -11.61 8.06 -6.59
ZN ZN F . -7.34 26.18 -1.20
S SO4 G . -3.06 4.75 4.85
O1 SO4 G . -3.87 3.53 5.04
O2 SO4 G . -2.72 5.21 6.21
O3 SO4 G . -1.89 4.41 4.07
O4 SO4 G . -3.88 5.73 4.17
S SO4 H . -8.17 19.57 17.01
O1 SO4 H . -9.05 18.78 17.89
O2 SO4 H . -7.39 20.61 17.74
O3 SO4 H . -7.19 18.63 16.43
O4 SO4 H . -8.97 20.15 15.90
C1 GOL I . -3.96 -5.34 13.56
O1 GOL I . -2.73 -4.92 12.99
C2 GOL I . -4.70 -6.28 12.59
O2 GOL I . -4.38 -6.00 11.20
C3 GOL I . -4.39 -7.71 13.06
O3 GOL I . -5.44 -8.14 13.97
CAB A73 J . 16.41 -11.49 3.89
CAD A73 J . 16.99 -11.35 2.65
OAH A73 J . 16.55 -10.48 1.91
CAE A73 J . 18.03 -12.23 2.27
CAO A73 J . 18.73 -12.07 1.06
CAQ A73 J . 19.76 -12.98 0.72
CAR A73 J . 20.12 -14.02 1.58
CAP A73 J . 19.47 -14.16 2.79
CAF A73 J . 18.45 -13.26 3.12
OAC A73 J . 17.83 -13.42 4.31
CAA A73 J . 16.86 -12.52 4.72
CAG A73 J . 16.34 -12.78 6.00
CAI A73 J . 15.35 -12.01 6.57
CAM A73 J . 14.89 -12.33 7.84
CAK A73 J . 15.40 -13.41 8.53
BR1 A73 J . 14.74 -13.85 10.31
CAL A73 J . 16.39 -14.18 7.97
CAJ A73 J . 16.85 -13.88 6.71
ZN ZN K . -2.44 -16.67 0.58
S SO4 L . 19.28 -20.69 -4.66
O1 SO4 L . 19.44 -21.90 -3.88
O2 SO4 L . 18.39 -19.68 -3.99
O3 SO4 L . 20.62 -20.12 -4.67
O4 SO4 L . 18.86 -21.02 -6.02
S SO4 M . 4.89 -15.79 -17.42
O1 SO4 M . 3.75 -16.68 -17.77
O2 SO4 M . 4.53 -14.91 -16.31
O3 SO4 M . 6.03 -16.65 -17.04
O4 SO4 M . 5.34 -14.95 -18.55
#